data_8OOY
#
_entry.id   8OOY
#
_cell.length_a   1.00
_cell.length_b   1.00
_cell.length_c   1.00
_cell.angle_alpha   90.00
_cell.angle_beta   90.00
_cell.angle_gamma   90.00
#
_symmetry.space_group_name_H-M   'P 1'
#
loop_
_entity.id
_entity.type
_entity.pdbx_description
1 polymer 'DNA polymerase I'
2 polymer 'Template DNA'
3 polymer 'Extending Primer'
4 polymer 'Displacing Primer'
5 non-polymer 'MAGNESIUM ION'
#
loop_
_entity_poly.entity_id
_entity_poly.type
_entity_poly.pdbx_seq_one_letter_code
_entity_poly.pdbx_strand_id
1 'polypeptide(L)'
;GPHDNYVTILDEETLKAWIAKLEKAPVFAFDTETDSLDNISANLVGLSFAIEPGVAAYIPVAHDYLDAPDQISRERALEL
LKPLLEDEKALKVGQNLKYDRGILANYGIELRGIAFDTMLESYILNSVAGRHDMDSLAERWLKHKTITFEEIAGKGKNQL
TFNQIALEEAGRYAAEDADVTLQLHLKMWPDLQKHKGPLNVFENIEMPLVPVLSRIERNGVKIDPKVLHNHSEELTLRLA
ELEKKAHEIAGEEFNLSSTKQLQTILFEKQGIKPLKKTPGGAPSTSEEVLEELALDYPLPKVILEYRGLAKLKSTYTDKL
PLMINPKTGRVHTSYHQAVTATGRLSSTDPNLQNIPVRNEEGRRIRQAFIAPEDYVIVSADYSQIELRIMAHLSRDKGLL
TAFAEGKDIHRATAAEVFGLPLETVTSEQRRSAKAINFGLIYGMSAFGLARQLNIPRKEAQKYMDLYFERYPGVLEYMER
TRAQAKEQGYVETLDGRRLYLPDIKSSNGARRAAAERAAINAPMQGTAADIIKRAMIAVDAWLQAEQPRVRMIMQVHDEL
VFEVHKDDVDAVAKQIHQLMENCTRLDVPLLVEVGSGENWDQAH
;
A
2 'polydeoxyribonucleotide/polyribonucleotide hybrid' AACG(DT)CG(DT)GAC(DT)GGGAAAACCC(DT)GGC T
3 'polydeoxyribonucleotide/polyribonucleotide hybrid' GCCAGGG(DT)(DT)(DT)(DT)CCCAG(DT)C P
4 'polydeoxyribonucleotide' (DC)(DG)(DA)(DC)(DG)(DT)(DT) D
#
# COMPACT_ATOMS: atom_id res chain seq x y z
N GLY A 1 -6.16 16.24 -29.54
CA GLY A 1 -4.86 15.66 -29.21
C GLY A 1 -3.81 15.91 -30.26
N PRO A 2 -3.12 17.05 -30.15
CA PRO A 2 -2.08 17.38 -31.14
C PRO A 2 -0.84 16.50 -31.04
N HIS A 3 0.10 16.68 -31.95
CA HIS A 3 1.28 15.83 -32.07
C HIS A 3 2.24 16.54 -33.01
N ASP A 4 3.39 15.90 -33.28
CA ASP A 4 4.32 16.28 -34.35
C ASP A 4 5.08 17.56 -34.06
N ASN A 5 4.75 18.26 -32.98
CA ASN A 5 5.54 19.40 -32.53
C ASN A 5 6.51 18.98 -31.44
N TYR A 6 7.31 17.97 -31.76
CA TYR A 6 8.18 17.30 -30.80
C TYR A 6 9.62 17.41 -31.31
N VAL A 7 10.39 18.30 -30.68
CA VAL A 7 11.79 18.49 -31.06
C VAL A 7 12.67 17.68 -30.11
N THR A 8 13.52 16.83 -30.69
CA THR A 8 14.43 16.01 -29.90
C THR A 8 15.78 16.68 -29.84
N ILE A 9 16.32 16.83 -28.63
CA ILE A 9 17.50 17.64 -28.40
C ILE A 9 18.74 16.76 -28.50
N LEU A 10 19.63 17.11 -29.43
CA LEU A 10 20.91 16.43 -29.58
C LEU A 10 22.11 17.31 -29.31
N ASP A 11 21.93 18.63 -29.24
CA ASP A 11 23.01 19.57 -29.00
C ASP A 11 22.76 20.32 -27.70
N GLU A 12 23.87 20.69 -27.03
CA GLU A 12 23.74 21.37 -25.75
C GLU A 12 23.28 22.81 -25.88
N GLU A 13 23.45 23.43 -27.05
CA GLU A 13 22.99 24.80 -27.23
C GLU A 13 21.47 24.86 -27.18
N THR A 14 20.79 23.93 -27.86
CA THR A 14 19.34 23.84 -27.73
C THR A 14 18.94 23.50 -26.29
N LEU A 15 19.78 22.77 -25.58
CA LEU A 15 19.52 22.52 -24.16
C LEU A 15 19.57 23.81 -23.36
N LYS A 16 20.53 24.69 -23.66
CA LYS A 16 20.58 25.99 -23.00
C LYS A 16 19.35 26.82 -23.31
N ALA A 17 18.92 26.82 -24.58
CA ALA A 17 17.70 27.54 -24.93
C ALA A 17 16.50 26.97 -24.18
N TRP A 18 16.41 25.65 -24.09
CA TRP A 18 15.30 25.00 -23.41
C TRP A 18 15.30 25.32 -21.92
N ILE A 19 16.47 25.31 -21.28
CA ILE A 19 16.51 25.63 -19.86
C ILE A 19 16.22 27.10 -19.62
N ALA A 20 16.60 27.97 -20.56
CA ALA A 20 16.21 29.37 -20.45
C ALA A 20 14.69 29.51 -20.52
N LYS A 21 14.05 28.75 -21.39
CA LYS A 21 12.58 28.72 -21.40
C LYS A 21 12.03 28.17 -20.10
N LEU A 22 12.66 27.11 -19.58
CA LEU A 22 12.14 26.40 -18.41
C LEU A 22 12.17 27.29 -17.17
N GLU A 23 13.27 28.01 -16.96
CA GLU A 23 13.38 28.85 -15.77
C GLU A 23 12.37 29.98 -15.77
N LYS A 24 11.79 30.30 -16.92
CA LYS A 24 10.64 31.19 -17.00
C LYS A 24 9.32 30.43 -17.07
N ALA A 25 9.38 29.10 -17.16
CA ALA A 25 8.17 28.30 -17.25
C ALA A 25 7.57 28.10 -15.87
N PRO A 26 6.30 28.45 -15.64
CA PRO A 26 5.69 28.26 -14.32
C PRO A 26 5.57 26.79 -13.94
N VAL A 27 4.93 26.00 -14.80
CA VAL A 27 4.75 24.57 -14.57
C VAL A 27 5.07 23.83 -15.85
N PHE A 28 5.70 22.65 -15.70
CA PHE A 28 6.14 21.88 -16.85
C PHE A 28 6.27 20.42 -16.44
N ALA A 29 6.24 19.54 -17.44
CA ALA A 29 6.36 18.12 -17.17
C ALA A 29 7.81 17.72 -16.94
N PHE A 30 7.97 16.52 -16.40
CA PHE A 30 9.27 15.89 -16.31
C PHE A 30 9.02 14.38 -16.26
N ASP A 31 9.52 13.67 -17.28
CA ASP A 31 9.30 12.23 -17.35
C ASP A 31 10.59 11.60 -17.87
N THR A 32 11.43 11.14 -16.95
CA THR A 32 12.61 10.39 -17.31
C THR A 32 12.23 8.97 -17.67
N GLU A 33 12.70 8.50 -18.82
CA GLU A 33 12.46 7.14 -19.26
C GLU A 33 13.75 6.33 -19.13
N THR A 34 13.62 5.09 -18.71
CA THR A 34 14.78 4.30 -18.33
C THR A 34 14.60 2.86 -18.77
N ASP A 35 15.72 2.20 -19.03
CA ASP A 35 15.71 0.82 -19.50
C ASP A 35 15.11 -0.13 -18.46
N SER A 36 15.48 0.05 -17.20
CA SER A 36 15.17 -0.92 -16.15
C SER A 36 13.92 -0.52 -15.40
N LEU A 37 13.07 -1.52 -15.13
CA LEU A 37 11.89 -1.30 -14.31
C LEU A 37 12.27 -0.93 -12.88
N ASP A 38 13.47 -1.30 -12.45
CA ASP A 38 13.93 -0.98 -11.11
C ASP A 38 14.07 0.52 -10.92
N ASN A 39 13.89 0.97 -9.68
CA ASN A 39 14.09 2.37 -9.33
C ASN A 39 15.46 2.65 -8.73
N ILE A 40 16.25 1.61 -8.47
CA ILE A 40 17.51 1.74 -7.75
C ILE A 40 18.70 1.44 -8.65
N SER A 41 18.71 0.26 -9.27
CA SER A 41 19.81 -0.16 -10.12
C SER A 41 19.69 0.37 -11.55
N ALA A 42 18.62 1.09 -11.86
CA ALA A 42 18.41 1.59 -13.21
C ALA A 42 19.39 2.73 -13.51
N ASN A 43 19.81 2.81 -14.78
CA ASN A 43 20.68 3.87 -15.26
C ASN A 43 19.89 4.74 -16.22
N LEU A 44 19.94 6.05 -15.99
CA LEU A 44 19.09 6.99 -16.73
C LEU A 44 19.43 6.97 -18.21
N VAL A 45 18.40 7.17 -19.04
CA VAL A 45 18.52 7.13 -20.49
C VAL A 45 18.18 8.46 -21.14
N GLY A 46 17.11 9.11 -20.68
CA GLY A 46 16.74 10.40 -21.23
C GLY A 46 15.74 11.10 -20.34
N LEU A 47 15.50 12.36 -20.67
CA LEU A 47 14.58 13.21 -19.92
C LEU A 47 13.48 13.67 -20.88
N SER A 48 12.58 14.51 -20.39
CA SER A 48 11.47 14.97 -21.23
C SER A 48 10.84 16.21 -20.60
N PHE A 49 10.75 17.27 -21.40
CA PHE A 49 10.26 18.56 -20.96
C PHE A 49 9.12 18.99 -21.87
N ALA A 50 8.05 19.52 -21.28
CA ALA A 50 6.86 19.86 -22.07
C ALA A 50 6.24 21.17 -21.59
N ILE A 51 7.05 22.22 -21.50
CA ILE A 51 6.63 23.53 -21.00
C ILE A 51 5.25 23.93 -21.52
N GLU A 52 5.02 23.77 -22.81
CA GLU A 52 3.76 24.22 -23.38
C GLU A 52 3.01 23.04 -24.00
N PRO A 53 1.68 23.13 -24.07
CA PRO A 53 0.90 22.02 -24.63
C PRO A 53 1.35 21.68 -26.04
N GLY A 54 1.78 20.43 -26.23
CA GLY A 54 2.30 19.96 -27.49
C GLY A 54 3.76 20.29 -27.73
N VAL A 55 4.35 21.14 -26.91
CA VAL A 55 5.74 21.56 -27.07
C VAL A 55 6.56 20.70 -26.11
N ALA A 56 7.05 19.57 -26.61
CA ALA A 56 7.75 18.60 -25.78
C ALA A 56 9.12 18.31 -26.36
N ALA A 57 10.09 18.04 -25.50
CA ALA A 57 11.48 17.82 -25.90
C ALA A 57 12.03 16.59 -25.18
N TYR A 58 12.62 15.68 -25.95
CA TYR A 58 13.32 14.54 -25.40
C TYR A 58 14.84 14.77 -25.50
N ILE A 59 15.54 14.52 -24.41
CA ILE A 59 16.98 14.76 -24.36
C ILE A 59 17.70 13.44 -24.12
N PRO A 60 18.13 12.74 -25.15
CA PRO A 60 18.93 11.52 -24.94
C PRO A 60 20.26 11.84 -24.29
N VAL A 61 20.73 10.91 -23.46
CA VAL A 61 22.08 11.01 -22.90
C VAL A 61 22.90 9.75 -23.13
N ALA A 62 22.28 8.60 -23.38
CA ALA A 62 23.04 7.38 -23.64
C ALA A 62 22.14 6.41 -24.41
N HIS A 63 22.43 6.21 -25.68
CA HIS A 63 21.73 5.23 -26.50
C HIS A 63 22.74 4.23 -27.04
N ASP A 64 22.38 2.94 -26.99
CA ASP A 64 23.34 1.86 -27.21
C ASP A 64 23.31 1.29 -28.62
N TYR A 65 22.29 1.58 -29.42
CA TYR A 65 22.21 0.98 -30.74
C TYR A 65 23.30 1.54 -31.65
N LEU A 66 23.52 0.85 -32.76
CA LEU A 66 24.58 1.22 -33.69
C LEU A 66 24.39 2.64 -34.20
N ASP A 67 25.46 3.43 -34.12
CA ASP A 67 25.47 4.81 -34.59
C ASP A 67 24.40 5.64 -33.88
N ALA A 68 24.57 5.78 -32.56
CA ALA A 68 23.78 6.73 -31.80
C ALA A 68 24.54 8.05 -31.75
N PRO A 69 24.20 9.01 -32.61
CA PRO A 69 25.07 10.18 -32.81
C PRO A 69 24.77 11.33 -31.87
N ASP A 70 25.85 12.02 -31.46
CA ASP A 70 25.78 13.24 -30.67
C ASP A 70 24.97 13.03 -29.38
N GLN A 71 25.40 12.02 -28.61
CA GLN A 71 24.76 11.72 -27.34
C GLN A 71 25.37 12.63 -26.27
N ILE A 72 24.54 13.53 -25.74
CA ILE A 72 25.02 14.45 -24.70
C ILE A 72 25.46 13.65 -23.49
N SER A 73 26.55 14.08 -22.87
CA SER A 73 27.07 13.39 -21.69
C SER A 73 26.02 13.37 -20.59
N ARG A 74 25.80 12.18 -20.03
CA ARG A 74 24.83 12.04 -18.94
C ARG A 74 25.24 12.85 -17.72
N GLU A 75 26.53 13.09 -17.53
CA GLU A 75 26.99 13.93 -16.43
C GLU A 75 26.89 15.42 -16.76
N ARG A 76 27.26 15.81 -17.98
CA ARG A 76 27.23 17.22 -18.35
C ARG A 76 25.81 17.76 -18.36
N ALA A 77 24.87 17.00 -18.93
CA ALA A 77 23.48 17.45 -18.99
C ALA A 77 22.89 17.60 -17.58
N LEU A 78 23.16 16.64 -16.71
CA LEU A 78 22.64 16.71 -15.35
C LEU A 78 23.31 17.84 -14.56
N GLU A 79 24.60 18.10 -14.81
CA GLU A 79 25.25 19.23 -14.18
C GLU A 79 24.63 20.55 -14.63
N LEU A 80 24.31 20.66 -15.92
CA LEU A 80 23.65 21.86 -16.43
C LEU A 80 22.22 21.99 -15.92
N LEU A 81 21.57 20.88 -15.60
CA LEU A 81 20.18 20.90 -15.14
C LEU A 81 20.05 21.01 -13.63
N LYS A 82 21.12 20.78 -12.88
CA LYS A 82 21.05 20.84 -11.42
C LYS A 82 20.48 22.14 -10.89
N PRO A 83 20.85 23.33 -11.39
CA PRO A 83 20.13 24.54 -10.94
C PRO A 83 18.64 24.48 -11.18
N LEU A 84 18.19 23.78 -12.22
CA LEU A 84 16.76 23.74 -12.54
C LEU A 84 16.05 22.65 -11.74
N LEU A 85 16.55 21.41 -11.80
CA LEU A 85 15.87 20.30 -11.15
C LEU A 85 15.83 20.49 -9.64
N GLU A 86 16.92 20.97 -9.04
CA GLU A 86 16.98 21.20 -7.61
C GLU A 86 16.35 22.53 -7.20
N ASP A 87 15.65 23.21 -8.10
CA ASP A 87 15.01 24.46 -7.78
C ASP A 87 13.66 24.21 -7.11
N GLU A 88 13.36 25.02 -6.09
CA GLU A 88 12.10 24.89 -5.37
C GLU A 88 10.98 25.74 -5.98
N LYS A 89 11.32 26.87 -6.59
CA LYS A 89 10.31 27.77 -7.13
C LYS A 89 9.68 27.26 -8.42
N ALA A 90 10.34 26.33 -9.11
CA ALA A 90 9.80 25.77 -10.35
C ALA A 90 9.00 24.52 -10.01
N LEU A 91 7.67 24.63 -10.14
CA LEU A 91 6.77 23.52 -9.82
C LEU A 91 6.66 22.60 -11.03
N LYS A 92 6.90 21.31 -10.81
CA LYS A 92 6.91 20.33 -11.88
C LYS A 92 5.63 19.50 -11.86
N VAL A 93 5.51 18.60 -12.84
CA VAL A 93 4.39 17.68 -12.94
C VAL A 93 4.86 16.44 -13.68
N GLY A 94 4.28 15.30 -13.32
CA GLY A 94 4.66 14.06 -13.97
C GLY A 94 3.77 12.92 -13.53
N GLN A 95 4.27 11.70 -13.74
CA GLN A 95 3.61 10.49 -13.29
C GLN A 95 4.61 9.64 -12.53
N ASN A 96 4.17 9.08 -11.40
CA ASN A 96 5.02 8.19 -10.59
C ASN A 96 6.32 8.89 -10.22
N LEU A 97 6.19 10.07 -9.60
CA LEU A 97 7.35 10.91 -9.32
C LEU A 97 8.36 10.24 -8.40
N LYS A 98 7.92 9.25 -7.59
CA LYS A 98 8.87 8.53 -6.76
C LYS A 98 9.80 7.63 -7.57
N TYR A 99 9.51 7.43 -8.85
CA TYR A 99 10.40 6.75 -9.77
C TYR A 99 11.43 7.69 -10.38
N ASP A 100 10.97 8.83 -10.91
CA ASP A 100 11.88 9.81 -11.47
C ASP A 100 12.83 10.35 -10.41
N ARG A 101 12.30 10.65 -9.22
CA ARG A 101 13.14 11.17 -8.15
C ARG A 101 14.17 10.14 -7.71
N GLY A 102 13.78 8.87 -7.62
CA GLY A 102 14.74 7.84 -7.26
C GLY A 102 15.85 7.71 -8.30
N ILE A 103 15.47 7.70 -9.58
CA ILE A 103 16.46 7.59 -10.64
C ILE A 103 17.42 8.77 -10.60
N LEU A 104 16.91 9.98 -10.40
CA LEU A 104 17.78 11.14 -10.31
C LEU A 104 18.69 11.06 -9.08
N ALA A 105 18.13 10.65 -7.94
CA ALA A 105 18.91 10.55 -6.71
C ALA A 105 19.98 9.48 -6.80
N ASN A 106 19.85 8.54 -7.74
CA ASN A 106 20.95 7.60 -7.99
C ASN A 106 22.25 8.33 -8.31
N TYR A 107 22.16 9.50 -8.94
CA TYR A 107 23.33 10.27 -9.33
C TYR A 107 23.62 11.41 -8.37
N GLY A 108 22.92 11.50 -7.24
CA GLY A 108 23.14 12.53 -6.26
C GLY A 108 22.34 13.80 -6.45
N ILE A 109 21.59 13.91 -7.55
CA ILE A 109 20.76 15.07 -7.80
C ILE A 109 19.44 14.90 -7.05
N GLU A 110 19.30 15.61 -5.93
CA GLU A 110 18.10 15.52 -5.10
C GLU A 110 17.06 16.49 -5.66
N LEU A 111 16.04 15.96 -6.33
CA LEU A 111 15.01 16.79 -6.91
C LEU A 111 14.14 17.39 -5.81
N ARG A 112 13.67 18.61 -6.06
CA ARG A 112 12.91 19.34 -5.06
C ARG A 112 11.69 20.08 -5.60
N GLY A 113 11.43 20.01 -6.91
CA GLY A 113 10.39 20.83 -7.51
C GLY A 113 9.07 20.14 -7.73
N ILE A 114 8.82 19.01 -7.09
CA ILE A 114 7.58 18.27 -7.29
C ILE A 114 6.39 19.07 -6.76
N ALA A 115 5.37 19.24 -7.60
CA ALA A 115 4.13 19.85 -7.16
C ALA A 115 2.88 19.15 -7.68
N PHE A 116 2.96 18.42 -8.78
CA PHE A 116 1.80 17.72 -9.32
C PHE A 116 2.23 16.37 -9.86
N ASP A 117 1.33 15.39 -9.73
CA ASP A 117 1.52 14.05 -10.26
C ASP A 117 0.19 13.58 -10.79
N THR A 118 0.10 13.30 -12.09
CA THR A 118 -1.18 12.96 -12.71
C THR A 118 -1.79 11.72 -12.06
N MET A 119 -0.95 10.75 -11.66
CA MET A 119 -1.45 9.59 -10.93
C MET A 119 -2.15 10.02 -9.65
N LEU A 120 -1.51 10.88 -8.86
CA LEU A 120 -2.09 11.31 -7.61
C LEU A 120 -3.33 12.16 -7.83
N GLU A 121 -3.34 12.99 -8.87
CA GLU A 121 -4.52 13.79 -9.18
C GLU A 121 -5.71 12.91 -9.54
N SER A 122 -5.49 11.94 -10.43
CA SER A 122 -6.56 11.02 -10.80
C SER A 122 -7.03 10.22 -9.59
N TYR A 123 -6.11 9.92 -8.68
CA TYR A 123 -6.51 9.17 -7.47
C TYR A 123 -7.42 10.05 -6.62
N ILE A 124 -7.01 11.29 -6.38
CA ILE A 124 -7.75 12.14 -5.46
C ILE A 124 -9.13 12.47 -6.03
N LEU A 125 -9.20 12.77 -7.32
CA LEU A 125 -10.48 13.18 -7.91
C LEU A 125 -11.51 12.06 -7.80
N ASN A 126 -11.26 10.93 -8.44
CA ASN A 126 -12.15 9.77 -8.39
C ASN A 126 -11.29 8.53 -8.18
N SER A 127 -11.23 8.05 -6.95
CA SER A 127 -10.35 6.94 -6.62
C SER A 127 -10.80 5.61 -7.23
N VAL A 128 -12.05 5.51 -7.67
CA VAL A 128 -12.57 4.26 -8.20
C VAL A 128 -12.75 4.36 -9.70
N ALA A 129 -11.96 5.21 -10.35
CA ALA A 129 -12.01 5.37 -11.79
C ALA A 129 -10.76 4.76 -12.42
N GLY A 130 -10.96 3.73 -13.23
CA GLY A 130 -9.84 3.10 -13.93
C GLY A 130 -8.82 2.52 -12.99
N ARG A 131 -7.54 2.73 -13.34
CA ARG A 131 -6.45 2.14 -12.58
C ARG A 131 -5.33 3.13 -12.29
N HIS A 132 -5.48 4.40 -12.65
CA HIS A 132 -4.49 5.44 -12.39
C HIS A 132 -3.16 5.15 -13.08
N ASP A 133 -3.24 4.83 -14.37
CA ASP A 133 -2.07 4.62 -15.20
C ASP A 133 -2.23 5.38 -16.51
N MET A 134 -1.09 5.75 -17.11
CA MET A 134 -1.07 6.63 -18.27
C MET A 134 -2.01 6.15 -19.38
N ASP A 135 -1.98 4.85 -19.66
CA ASP A 135 -2.82 4.31 -20.71
C ASP A 135 -4.31 4.51 -20.40
N SER A 136 -4.69 4.28 -19.14
CA SER A 136 -6.09 4.48 -18.75
C SER A 136 -6.45 5.96 -18.75
N LEU A 137 -5.59 6.78 -18.12
CA LEU A 137 -5.80 8.22 -18.08
C LEU A 137 -6.03 8.82 -19.46
N ALA A 138 -5.25 8.37 -20.45
CA ALA A 138 -5.31 8.92 -21.79
C ALA A 138 -6.73 9.00 -22.32
N GLU A 139 -7.39 7.85 -22.49
CA GLU A 139 -8.76 7.87 -22.99
C GLU A 139 -9.76 8.31 -21.93
N ARG A 140 -9.52 8.06 -20.65
CA ARG A 140 -10.55 8.38 -19.67
C ARG A 140 -10.74 9.89 -19.53
N TRP A 141 -9.67 10.66 -19.55
CA TRP A 141 -9.77 12.11 -19.50
C TRP A 141 -9.59 12.77 -20.87
N LEU A 142 -8.45 12.55 -21.52
CA LEU A 142 -8.16 13.25 -22.76
C LEU A 142 -8.90 12.68 -23.96
N LYS A 143 -9.36 11.43 -23.86
CA LYS A 143 -9.99 10.73 -24.98
C LYS A 143 -9.05 10.67 -26.18
N HIS A 144 -7.86 10.11 -25.93
CA HIS A 144 -6.82 10.04 -26.95
C HIS A 144 -5.95 8.84 -26.65
N LYS A 145 -6.12 7.77 -27.44
CA LYS A 145 -5.34 6.55 -27.25
C LYS A 145 -3.87 6.84 -27.54
N THR A 146 -3.03 6.74 -26.52
CA THR A 146 -1.62 7.06 -26.66
C THR A 146 -0.81 5.82 -27.06
N ILE A 147 0.44 6.06 -27.42
CA ILE A 147 1.33 4.97 -27.78
C ILE A 147 1.87 4.31 -26.52
N THR A 148 1.70 3.00 -26.42
CA THR A 148 2.24 2.26 -25.29
C THR A 148 3.66 1.78 -25.60
N PHE A 149 4.36 1.36 -24.56
CA PHE A 149 5.70 0.82 -24.73
C PHE A 149 5.70 -0.51 -25.44
N GLU A 150 4.54 -1.19 -25.50
CA GLU A 150 4.47 -2.49 -26.16
C GLU A 150 4.72 -2.36 -27.66
N GLU A 151 4.18 -1.32 -28.29
CA GLU A 151 4.39 -1.14 -29.72
C GLU A 151 5.86 -0.98 -30.05
N ILE A 152 6.58 -0.21 -29.25
CA ILE A 152 8.01 -0.02 -29.49
C ILE A 152 8.78 -1.29 -29.17
N ALA A 153 8.43 -1.99 -28.09
CA ALA A 153 9.18 -3.15 -27.63
C ALA A 153 8.62 -4.47 -28.18
N GLY A 154 7.37 -4.77 -27.86
CA GLY A 154 6.79 -6.05 -28.22
C GLY A 154 6.87 -7.05 -27.07
N LYS A 155 5.75 -7.67 -26.74
CA LYS A 155 5.69 -8.57 -25.59
C LYS A 155 6.59 -9.79 -25.82
N GLY A 156 7.11 -10.32 -24.72
CA GLY A 156 7.99 -11.47 -24.74
C GLY A 156 9.45 -11.10 -24.56
N LYS A 157 10.31 -12.10 -24.73
CA LYS A 157 11.75 -11.85 -24.68
C LYS A 157 12.19 -10.90 -25.77
N ASN A 158 11.41 -10.74 -26.84
CA ASN A 158 11.74 -9.82 -27.91
C ASN A 158 11.71 -8.36 -27.45
N GLN A 159 11.13 -8.08 -26.28
CA GLN A 159 11.04 -6.72 -25.81
C GLN A 159 12.42 -6.10 -25.65
N LEU A 160 12.51 -4.81 -25.96
CA LEU A 160 13.78 -4.10 -26.01
C LEU A 160 13.85 -3.09 -24.87
N THR A 161 15.04 -3.06 -24.25
CA THR A 161 15.28 -2.02 -23.21
C THR A 161 15.22 -0.68 -23.92
N PHE A 162 14.82 0.37 -23.22
CA PHE A 162 14.61 1.67 -23.84
C PHE A 162 15.89 2.31 -24.35
N ASN A 163 17.06 1.89 -23.84
CA ASN A 163 18.30 2.62 -24.15
C ASN A 163 18.78 2.33 -25.57
N GLN A 164 18.65 1.08 -26.04
CA GLN A 164 19.11 0.76 -27.40
C GLN A 164 18.02 1.01 -28.44
N ILE A 165 16.88 1.52 -28.03
CA ILE A 165 15.74 1.70 -28.92
C ILE A 165 16.01 2.90 -29.84
N ALA A 166 15.57 2.78 -31.10
CA ALA A 166 15.86 3.78 -32.12
C ALA A 166 15.39 5.18 -31.69
N LEU A 167 15.95 6.19 -32.35
CA LEU A 167 15.73 7.57 -31.94
C LEU A 167 14.28 8.01 -32.12
N GLU A 168 13.73 7.77 -33.32
CA GLU A 168 12.45 8.39 -33.67
C GLU A 168 11.33 7.89 -32.76
N GLU A 169 11.17 6.57 -32.64
CA GLU A 169 10.06 6.01 -31.88
C GLU A 169 10.15 6.40 -30.40
N ALA A 170 11.34 6.22 -29.81
CA ALA A 170 11.51 6.54 -28.40
C ALA A 170 11.28 8.03 -28.13
N GLY A 171 11.83 8.89 -28.98
CA GLY A 171 11.67 10.32 -28.78
C GLY A 171 10.22 10.76 -28.90
N ARG A 172 9.52 10.30 -29.94
CA ARG A 172 8.12 10.68 -30.09
C ARG A 172 7.28 10.13 -28.95
N TYR A 173 7.58 8.92 -28.47
CA TYR A 173 6.83 8.34 -27.37
C TYR A 173 7.01 9.15 -26.09
N ALA A 174 8.26 9.51 -25.76
CA ALA A 174 8.50 10.26 -24.54
C ALA A 174 7.89 11.66 -24.63
N ALA A 175 8.03 12.32 -25.77
CA ALA A 175 7.42 13.63 -25.93
C ALA A 175 5.91 13.56 -25.86
N GLU A 176 5.32 12.50 -26.41
CA GLU A 176 3.88 12.30 -26.28
C GLU A 176 3.48 12.12 -24.82
N ASP A 177 4.29 11.36 -24.08
CA ASP A 177 4.04 11.17 -22.64
C ASP A 177 4.04 12.56 -21.98
N ALA A 178 5.16 13.27 -22.09
CA ALA A 178 5.27 14.59 -21.43
C ALA A 178 4.05 15.43 -21.83
N ASP A 179 3.79 15.54 -23.12
CA ASP A 179 2.68 16.40 -23.57
C ASP A 179 1.39 15.93 -22.89
N VAL A 180 1.21 14.61 -22.79
CA VAL A 180 -0.06 14.11 -22.21
C VAL A 180 -0.19 14.65 -20.79
N THR A 181 0.86 14.51 -19.99
CA THR A 181 0.77 14.94 -18.57
C THR A 181 0.20 16.35 -18.57
N LEU A 182 0.78 17.22 -19.39
CA LEU A 182 0.29 18.62 -19.46
C LEU A 182 -1.22 18.62 -19.73
N GLN A 183 -1.69 17.89 -20.74
CA GLN A 183 -3.13 17.91 -20.94
C GLN A 183 -3.89 17.39 -19.72
N LEU A 184 -3.42 16.30 -19.11
CA LEU A 184 -4.08 15.80 -17.92
C LEU A 184 -4.04 16.81 -16.79
N HIS A 185 -2.90 17.48 -16.60
CA HIS A 185 -2.83 18.50 -15.56
C HIS A 185 -3.77 19.65 -15.85
N LEU A 186 -3.69 20.21 -17.06
CA LEU A 186 -4.51 21.37 -17.40
C LEU A 186 -6.00 21.06 -17.37
N LYS A 187 -6.37 19.78 -17.49
CA LYS A 187 -7.78 19.41 -17.41
C LYS A 187 -8.21 19.13 -15.97
N MET A 188 -7.44 18.32 -15.24
CA MET A 188 -7.88 17.89 -13.92
C MET A 188 -7.71 18.98 -12.87
N TRP A 189 -6.64 19.78 -12.97
CA TRP A 189 -6.33 20.74 -11.92
C TRP A 189 -7.48 21.70 -11.59
N PRO A 190 -8.22 22.26 -12.56
CA PRO A 190 -9.41 23.03 -12.17
C PRO A 190 -10.40 22.22 -11.37
N ASP A 191 -10.63 20.95 -11.76
CA ASP A 191 -11.54 20.09 -11.01
C ASP A 191 -11.02 19.86 -9.60
N LEU A 192 -9.72 19.62 -9.47
CA LEU A 192 -9.11 19.43 -8.16
C LEU A 192 -9.16 20.70 -7.32
N GLN A 193 -9.20 21.87 -7.97
CA GLN A 193 -9.33 23.13 -7.25
C GLN A 193 -10.75 23.36 -6.77
N LYS A 194 -11.75 22.94 -7.55
CA LYS A 194 -13.14 23.18 -7.18
C LYS A 194 -13.56 22.40 -5.94
N HIS A 195 -12.82 21.35 -5.56
CA HIS A 195 -13.18 20.51 -4.42
C HIS A 195 -12.26 20.85 -3.25
N LYS A 196 -12.83 21.45 -2.20
CA LYS A 196 -12.02 22.03 -1.13
C LYS A 196 -11.31 20.95 -0.32
N GLY A 197 -12.05 19.93 0.12
CA GLY A 197 -11.47 18.86 0.91
C GLY A 197 -10.43 18.05 0.17
N PRO A 198 -10.76 17.61 -1.05
CA PRO A 198 -9.74 16.97 -1.89
C PRO A 198 -8.55 17.86 -2.17
N LEU A 199 -8.76 19.16 -2.36
CA LEU A 199 -7.62 20.06 -2.53
C LEU A 199 -6.73 20.07 -1.30
N ASN A 200 -7.35 20.15 -0.12
CA ASN A 200 -6.59 20.15 1.13
C ASN A 200 -5.76 18.88 1.28
N VAL A 201 -6.40 17.73 1.08
CA VAL A 201 -5.68 16.47 1.28
C VAL A 201 -4.60 16.31 0.22
N PHE A 202 -4.89 16.70 -1.03
CA PHE A 202 -3.89 16.60 -2.08
C PHE A 202 -2.67 17.44 -1.77
N GLU A 203 -2.87 18.67 -1.27
CA GLU A 203 -1.74 19.53 -1.00
C GLU A 203 -0.96 19.10 0.22
N ASN A 204 -1.63 18.59 1.26
CA ASN A 204 -0.96 18.45 2.55
C ASN A 204 -0.67 17.01 2.99
N ILE A 205 -1.32 16.00 2.41
CA ILE A 205 -1.17 14.64 2.91
C ILE A 205 -0.55 13.77 1.83
N GLU A 206 -1.04 13.90 0.60
CA GLU A 206 -0.64 12.99 -0.47
C GLU A 206 0.67 13.41 -1.12
N MET A 207 0.79 14.67 -1.52
CA MET A 207 1.95 15.07 -2.32
C MET A 207 3.26 15.20 -1.55
N PRO A 208 3.28 15.75 -0.33
CA PRO A 208 4.51 15.67 0.48
C PRO A 208 4.92 14.24 0.80
N LEU A 209 4.10 13.25 0.49
CA LEU A 209 4.47 11.85 0.74
C LEU A 209 5.49 11.35 -0.29
N VAL A 210 5.52 11.94 -1.48
CA VAL A 210 6.37 11.40 -2.54
C VAL A 210 7.84 11.35 -2.16
N PRO A 211 8.45 12.43 -1.63
CA PRO A 211 9.88 12.34 -1.29
C PRO A 211 10.18 11.31 -0.22
N VAL A 212 9.38 11.25 0.84
CA VAL A 212 9.62 10.25 1.87
C VAL A 212 9.35 8.84 1.33
N LEU A 213 8.36 8.68 0.45
CA LEU A 213 8.14 7.38 -0.15
C LEU A 213 9.35 6.93 -0.95
N SER A 214 9.93 7.83 -1.75
CA SER A 214 11.12 7.49 -2.50
C SER A 214 12.28 7.15 -1.57
N ARG A 215 12.44 7.92 -0.49
CA ARG A 215 13.53 7.66 0.44
C ARG A 215 13.36 6.30 1.11
N ILE A 216 12.13 5.95 1.49
CA ILE A 216 11.89 4.66 2.13
C ILE A 216 12.16 3.53 1.16
N GLU A 217 11.67 3.66 -0.08
CA GLU A 217 11.88 2.59 -1.05
C GLU A 217 13.36 2.42 -1.38
N ARG A 218 14.10 3.52 -1.46
CA ARG A 218 15.52 3.41 -1.78
C ARG A 218 16.35 2.94 -0.60
N ASN A 219 15.92 3.24 0.63
CA ASN A 219 16.62 2.72 1.79
C ASN A 219 16.54 1.20 1.84
N GLY A 220 15.33 0.66 1.72
CA GLY A 220 15.14 -0.78 1.69
C GLY A 220 15.34 -1.46 3.02
N VAL A 221 14.70 -2.60 3.20
CA VAL A 221 14.83 -3.39 4.41
C VAL A 221 15.88 -4.45 4.19
N LYS A 222 16.66 -4.74 5.23
CA LYS A 222 17.72 -5.71 5.17
C LYS A 222 17.24 -7.05 5.71
N ILE A 223 17.53 -8.12 4.97
CA ILE A 223 17.16 -9.47 5.35
C ILE A 223 18.42 -10.31 5.41
N ASP A 224 18.44 -11.26 6.34
CA ASP A 224 19.51 -12.23 6.43
C ASP A 224 19.16 -13.45 5.59
N PRO A 225 19.66 -13.55 4.35
CA PRO A 225 19.25 -14.66 3.48
C PRO A 225 19.63 -16.02 4.00
N LYS A 226 20.65 -16.10 4.86
CA LYS A 226 21.03 -17.39 5.43
C LYS A 226 19.90 -17.97 6.29
N VAL A 227 19.14 -17.12 6.96
CA VAL A 227 18.01 -17.60 7.76
C VAL A 227 17.00 -18.31 6.87
N LEU A 228 16.66 -17.72 5.73
CA LEU A 228 15.69 -18.32 4.83
C LEU A 228 16.24 -19.56 4.14
N HIS A 229 17.50 -19.50 3.70
CA HIS A 229 18.13 -20.64 3.05
C HIS A 229 18.43 -21.77 4.03
N ASN A 230 18.29 -21.52 5.33
CA ASN A 230 18.27 -22.59 6.34
C ASN A 230 16.85 -23.11 6.52
N HIS A 231 15.91 -22.19 6.80
CA HIS A 231 14.56 -22.50 7.20
C HIS A 231 13.78 -23.23 6.11
N SER A 232 14.06 -22.96 4.83
CA SER A 232 13.39 -23.66 3.74
C SER A 232 13.68 -25.16 3.78
N GLU A 233 14.84 -25.57 4.28
CA GLU A 233 15.15 -27.00 4.34
C GLU A 233 14.24 -27.73 5.31
N GLU A 234 14.05 -27.14 6.51
CA GLU A 234 13.10 -27.73 7.45
C GLU A 234 11.69 -27.69 6.91
N LEU A 235 11.31 -26.62 6.20
CA LEU A 235 10.01 -26.60 5.55
C LEU A 235 9.85 -27.74 4.57
N THR A 236 10.86 -27.98 3.74
CA THR A 236 10.79 -29.05 2.76
C THR A 236 10.68 -30.41 3.44
N LEU A 237 11.48 -30.63 4.49
CA LEU A 237 11.42 -31.92 5.19
C LEU A 237 10.06 -32.13 5.84
N ARG A 238 9.51 -31.10 6.48
CA ARG A 238 8.21 -31.25 7.13
C ARG A 238 7.11 -31.50 6.11
N LEU A 239 7.14 -30.79 4.97
CA LEU A 239 6.12 -31.03 3.98
C LEU A 239 6.29 -32.40 3.32
N ALA A 240 7.52 -32.90 3.24
CA ALA A 240 7.71 -34.27 2.78
C ALA A 240 7.09 -35.26 3.75
N GLU A 241 7.22 -35.00 5.05
CA GLU A 241 6.56 -35.85 6.03
C GLU A 241 5.04 -35.79 5.87
N LEU A 242 4.50 -34.59 5.63
CA LEU A 242 3.07 -34.46 5.37
C LEU A 242 2.66 -35.19 4.11
N GLU A 243 3.50 -35.16 3.08
CA GLU A 243 3.24 -35.92 1.86
C GLU A 243 3.18 -37.41 2.16
N LYS A 244 4.12 -37.91 2.94
CA LYS A 244 4.13 -39.34 3.29
C LYS A 244 2.86 -39.70 4.05
N LYS A 245 2.48 -38.88 5.03
CA LYS A 245 1.28 -39.18 5.81
C LYS A 245 0.02 -39.12 4.96
N ALA A 246 -0.10 -38.11 4.09
CA ALA A 246 -1.29 -37.97 3.26
C ALA A 246 -1.40 -39.12 2.26
N HIS A 247 -0.28 -39.51 1.65
CA HIS A 247 -0.30 -40.62 0.71
C HIS A 247 -0.45 -41.97 1.41
N GLU A 248 -0.11 -42.04 2.70
CA GLU A 248 -0.48 -43.22 3.48
C GLU A 248 -1.97 -43.27 3.74
N ILE A 249 -2.57 -42.12 4.08
CA ILE A 249 -4.00 -42.08 4.34
C ILE A 249 -4.79 -42.41 3.08
N ALA A 250 -4.41 -41.82 1.95
CA ALA A 250 -5.13 -42.05 0.71
C ALA A 250 -4.63 -43.27 -0.05
N GLY A 251 -3.44 -43.79 0.30
CA GLY A 251 -2.92 -44.95 -0.38
C GLY A 251 -2.41 -44.71 -1.78
N GLU A 252 -2.28 -43.44 -2.19
CA GLU A 252 -1.90 -43.11 -3.56
C GLU A 252 -1.09 -41.82 -3.57
N GLU A 253 -0.30 -41.65 -4.62
CA GLU A 253 0.54 -40.49 -4.78
C GLU A 253 -0.17 -39.44 -5.64
N PHE A 254 -0.18 -38.21 -5.17
CA PHE A 254 -0.87 -37.13 -5.86
C PHE A 254 -0.26 -35.81 -5.40
N ASN A 255 -0.93 -34.70 -5.71
CA ASN A 255 -0.49 -33.36 -5.32
C ASN A 255 -1.50 -32.77 -4.34
N LEU A 256 -1.07 -32.58 -3.10
CA LEU A 256 -1.93 -31.92 -2.11
C LEU A 256 -2.21 -30.47 -2.50
N SER A 257 -1.31 -29.86 -3.27
CA SER A 257 -1.47 -28.45 -3.64
C SER A 257 -2.72 -28.26 -4.51
N SER A 258 -2.98 -29.19 -5.42
CA SER A 258 -4.13 -29.06 -6.29
C SER A 258 -5.43 -29.14 -5.49
N THR A 259 -6.40 -28.32 -5.89
CA THR A 259 -7.70 -28.26 -5.22
C THR A 259 -8.73 -29.18 -5.87
N LYS A 260 -8.80 -29.21 -7.20
CA LYS A 260 -9.74 -30.08 -7.88
C LYS A 260 -9.46 -31.55 -7.56
N GLN A 261 -8.20 -31.96 -7.67
CA GLN A 261 -7.84 -33.33 -7.33
C GLN A 261 -8.14 -33.62 -5.88
N LEU A 262 -7.83 -32.69 -4.98
CA LEU A 262 -8.05 -32.90 -3.56
C LEU A 262 -9.52 -33.11 -3.25
N GLN A 263 -10.38 -32.22 -3.76
CA GLN A 263 -11.81 -32.35 -3.49
C GLN A 263 -12.37 -33.62 -4.12
N THR A 264 -11.91 -33.97 -5.34
CA THR A 264 -12.39 -35.19 -5.97
C THR A 264 -12.04 -36.40 -5.11
N ILE A 265 -10.76 -36.55 -4.75
CA ILE A 265 -10.35 -37.72 -3.99
C ILE A 265 -11.06 -37.77 -2.64
N LEU A 266 -11.11 -36.63 -1.94
CA LEU A 266 -11.80 -36.60 -0.65
C LEU A 266 -13.25 -37.03 -0.80
N PHE A 267 -14.04 -36.29 -1.57
CA PHE A 267 -15.47 -36.49 -1.59
C PHE A 267 -15.90 -37.74 -2.36
N GLU A 268 -14.98 -38.43 -3.03
CA GLU A 268 -15.34 -39.74 -3.55
C GLU A 268 -14.87 -40.88 -2.65
N LYS A 269 -13.75 -40.72 -1.95
CA LYS A 269 -13.25 -41.80 -1.09
C LYS A 269 -13.94 -41.79 0.26
N GLN A 270 -13.78 -40.70 1.03
CA GLN A 270 -14.42 -40.66 2.34
C GLN A 270 -15.86 -40.18 2.28
N GLY A 271 -16.20 -39.36 1.28
CA GLY A 271 -17.59 -39.08 0.96
C GLY A 271 -18.39 -38.30 1.98
N ILE A 272 -17.79 -37.30 2.63
CA ILE A 272 -18.59 -36.39 3.44
C ILE A 272 -19.32 -35.41 2.53
N LYS A 273 -20.57 -35.13 2.88
CA LYS A 273 -21.37 -34.15 2.14
C LYS A 273 -20.66 -32.80 2.14
N PRO A 274 -20.58 -32.12 0.99
CA PRO A 274 -19.96 -30.79 0.96
C PRO A 274 -20.73 -29.77 1.80
N LEU A 275 -20.11 -29.31 2.89
CA LEU A 275 -20.77 -28.39 3.79
C LEU A 275 -21.02 -27.05 3.11
N LYS A 276 -20.00 -26.49 2.47
CA LYS A 276 -20.10 -25.22 1.77
C LYS A 276 -19.67 -25.42 0.32
N LYS A 277 -19.90 -24.38 -0.49
CA LYS A 277 -19.58 -24.45 -1.91
C LYS A 277 -18.80 -23.21 -2.32
N THR A 278 -17.94 -23.38 -3.32
CA THR A 278 -17.18 -22.26 -3.85
C THR A 278 -18.09 -21.30 -4.62
N PRO A 279 -17.65 -20.06 -4.81
CA PRO A 279 -18.42 -19.15 -5.68
C PRO A 279 -18.62 -19.69 -7.09
N GLY A 280 -17.71 -20.52 -7.59
CA GLY A 280 -17.89 -21.13 -8.88
C GLY A 280 -18.85 -22.31 -8.90
N GLY A 281 -19.34 -22.74 -7.74
CA GLY A 281 -20.33 -23.79 -7.62
C GLY A 281 -19.75 -25.11 -7.12
N ALA A 282 -18.45 -25.33 -7.30
CA ALA A 282 -17.82 -26.56 -6.87
C ALA A 282 -17.81 -26.64 -5.35
N PRO A 283 -17.66 -27.84 -4.77
CA PRO A 283 -17.51 -27.93 -3.31
C PRO A 283 -16.29 -27.15 -2.85
N SER A 284 -16.43 -26.53 -1.67
CA SER A 284 -15.41 -25.63 -1.15
C SER A 284 -14.56 -26.34 -0.11
N THR A 285 -13.27 -26.03 -0.12
CA THR A 285 -12.29 -26.59 0.80
C THR A 285 -11.44 -25.49 1.42
N SER A 286 -12.08 -24.44 1.93
CA SER A 286 -11.37 -23.40 2.65
C SER A 286 -11.10 -23.85 4.10
N GLU A 287 -10.44 -22.97 4.85
CA GLU A 287 -9.95 -23.35 6.17
C GLU A 287 -11.06 -23.80 7.10
N GLU A 288 -12.22 -23.15 7.02
CA GLU A 288 -13.36 -23.59 7.83
C GLU A 288 -13.78 -25.00 7.46
N VAL A 289 -13.82 -25.30 6.16
CA VAL A 289 -14.11 -26.65 5.72
C VAL A 289 -13.04 -27.61 6.23
N LEU A 290 -11.78 -27.17 6.20
CA LEU A 290 -10.70 -28.02 6.68
C LEU A 290 -10.86 -28.37 8.15
N GLU A 291 -11.18 -27.39 9.00
CA GLU A 291 -11.29 -27.69 10.42
C GLU A 291 -12.54 -28.50 10.72
N GLU A 292 -13.64 -28.23 10.00
CA GLU A 292 -14.85 -29.02 10.20
C GLU A 292 -14.63 -30.47 9.78
N LEU A 293 -13.89 -30.70 8.70
CA LEU A 293 -13.64 -32.06 8.26
C LEU A 293 -12.58 -32.74 9.13
N ALA A 294 -11.61 -31.97 9.62
CA ALA A 294 -10.62 -32.53 10.53
C ALA A 294 -11.23 -32.86 11.88
N LEU A 295 -12.39 -32.27 12.20
CA LEU A 295 -13.15 -32.74 13.35
C LEU A 295 -13.50 -34.22 13.23
N ASP A 296 -13.58 -34.74 12.00
CA ASP A 296 -13.91 -36.13 11.77
C ASP A 296 -12.75 -36.99 11.28
N TYR A 297 -11.94 -36.50 10.34
CA TYR A 297 -10.93 -37.32 9.67
C TYR A 297 -9.56 -36.67 9.78
N PRO A 298 -8.48 -37.47 9.80
CA PRO A 298 -7.15 -36.88 9.96
C PRO A 298 -6.57 -36.31 8.69
N LEU A 299 -6.95 -36.85 7.52
CA LEU A 299 -6.46 -36.31 6.26
C LEU A 299 -6.80 -34.83 6.07
N PRO A 300 -8.00 -34.35 6.41
CA PRO A 300 -8.21 -32.89 6.37
C PRO A 300 -7.23 -32.13 7.24
N LYS A 301 -6.91 -32.64 8.43
CA LYS A 301 -5.96 -31.96 9.29
C LYS A 301 -4.59 -31.89 8.64
N VAL A 302 -4.13 -33.01 8.07
CA VAL A 302 -2.78 -33.03 7.52
C VAL A 302 -2.70 -32.15 6.28
N ILE A 303 -3.76 -32.13 5.46
CA ILE A 303 -3.71 -31.27 4.27
C ILE A 303 -3.85 -29.80 4.66
N LEU A 304 -4.59 -29.50 5.74
CA LEU A 304 -4.61 -28.13 6.25
C LEU A 304 -3.23 -27.70 6.71
N GLU A 305 -2.53 -28.57 7.44
CA GLU A 305 -1.17 -28.25 7.86
C GLU A 305 -0.25 -28.08 6.66
N TYR A 306 -0.41 -28.92 5.63
CA TYR A 306 0.38 -28.78 4.43
C TYR A 306 0.14 -27.44 3.76
N ARG A 307 -1.12 -27.03 3.64
CA ARG A 307 -1.42 -25.71 3.09
C ARG A 307 -0.75 -24.61 3.91
N GLY A 308 -0.89 -24.69 5.23
CA GLY A 308 -0.33 -23.65 6.08
C GLY A 308 1.17 -23.53 5.93
N LEU A 309 1.88 -24.66 5.96
CA LEU A 309 3.33 -24.61 5.83
C LEU A 309 3.75 -24.17 4.43
N ALA A 310 3.13 -24.75 3.40
CA ALA A 310 3.58 -24.53 2.03
C ALA A 310 3.33 -23.10 1.57
N LYS A 311 2.19 -22.51 1.97
CA LYS A 311 1.93 -21.12 1.62
C LYS A 311 3.07 -20.22 2.07
N LEU A 312 3.41 -20.28 3.36
CA LEU A 312 4.47 -19.43 3.88
C LEU A 312 5.80 -19.75 3.21
N LYS A 313 6.13 -21.04 3.09
CA LYS A 313 7.41 -21.40 2.48
C LYS A 313 7.52 -20.81 1.08
N SER A 314 6.61 -21.18 0.18
CA SER A 314 6.66 -20.78 -1.21
C SER A 314 6.57 -19.27 -1.39
N THR A 315 5.70 -18.60 -0.62
CA THR A 315 5.50 -17.18 -0.83
C THR A 315 6.70 -16.38 -0.31
N TYR A 316 7.19 -16.69 0.90
CA TYR A 316 8.21 -15.87 1.54
C TYR A 316 9.60 -16.49 1.46
N THR A 317 9.77 -17.70 1.99
CA THR A 317 11.10 -18.24 2.23
C THR A 317 11.87 -18.45 0.93
N ASP A 318 11.16 -18.56 -0.18
CA ASP A 318 11.78 -18.74 -1.49
C ASP A 318 11.87 -17.44 -2.28
N LYS A 319 10.82 -16.63 -2.25
CA LYS A 319 10.81 -15.42 -3.07
C LYS A 319 11.69 -14.31 -2.47
N LEU A 320 11.64 -14.12 -1.16
CA LEU A 320 12.42 -13.04 -0.55
C LEU A 320 13.92 -13.15 -0.78
N PRO A 321 14.57 -14.31 -0.57
CA PRO A 321 16.01 -14.37 -0.84
C PRO A 321 16.35 -14.13 -2.30
N LEU A 322 15.41 -14.37 -3.22
CA LEU A 322 15.66 -14.09 -4.63
C LEU A 322 15.62 -12.60 -4.94
N MET A 323 14.81 -11.84 -4.19
CA MET A 323 14.59 -10.43 -4.51
C MET A 323 15.62 -9.50 -3.88
N ILE A 324 16.62 -10.04 -3.16
CA ILE A 324 17.66 -9.20 -2.59
C ILE A 324 18.41 -8.50 -3.70
N ASN A 325 18.52 -7.18 -3.60
CA ASN A 325 19.23 -6.42 -4.62
C ASN A 325 20.72 -6.69 -4.49
N PRO A 326 21.39 -7.24 -5.52
CA PRO A 326 22.81 -7.58 -5.37
C PRO A 326 23.72 -6.39 -5.18
N LYS A 327 23.33 -5.21 -5.67
CA LYS A 327 24.21 -4.04 -5.61
C LYS A 327 24.40 -3.58 -4.16
N THR A 328 23.30 -3.49 -3.41
CA THR A 328 23.37 -2.98 -2.04
C THR A 328 23.04 -4.02 -0.99
N GLY A 329 22.56 -5.19 -1.39
CA GLY A 329 22.26 -6.24 -0.42
C GLY A 329 21.05 -6.01 0.44
N ARG A 330 20.14 -5.14 0.02
CA ARG A 330 18.93 -4.84 0.77
C ARG A 330 17.71 -5.00 -0.12
N VAL A 331 16.66 -5.62 0.42
CA VAL A 331 15.42 -5.77 -0.33
C VAL A 331 14.73 -4.41 -0.43
N HIS A 332 14.38 -4.03 -1.66
CA HIS A 332 13.76 -2.74 -1.93
C HIS A 332 12.34 -2.96 -2.39
N THR A 333 11.40 -2.28 -1.74
CA THR A 333 9.98 -2.44 -2.04
C THR A 333 9.50 -1.24 -2.84
N SER A 334 8.33 -1.38 -3.47
CA SER A 334 7.73 -0.31 -4.27
C SER A 334 6.37 0.01 -3.65
N TYR A 335 6.35 0.97 -2.74
CA TYR A 335 5.09 1.39 -2.13
C TYR A 335 4.22 2.11 -3.14
N HIS A 336 3.21 1.42 -3.64
CA HIS A 336 2.26 1.98 -4.59
C HIS A 336 1.30 2.85 -3.78
N GLN A 337 1.47 4.16 -3.90
CA GLN A 337 0.71 5.09 -3.07
C GLN A 337 -0.76 5.11 -3.45
N ALA A 338 -1.08 5.00 -4.73
CA ALA A 338 -2.45 5.15 -5.20
C ALA A 338 -2.86 3.92 -6.02
N VAL A 339 -3.31 2.88 -5.32
CA VAL A 339 -3.81 1.65 -5.97
C VAL A 339 -5.06 1.19 -5.24
N THR A 340 -5.01 1.15 -3.89
CA THR A 340 -6.20 0.78 -3.07
C THR A 340 -7.18 1.96 -3.07
N ALA A 341 -8.48 1.68 -2.99
CA ALA A 341 -9.49 2.77 -3.05
C ALA A 341 -9.51 3.53 -1.72
N THR A 342 -9.65 2.83 -0.60
CA THR A 342 -9.74 3.47 0.70
C THR A 342 -8.68 4.55 0.87
N GLY A 343 -7.41 4.19 0.60
CA GLY A 343 -6.33 5.14 0.73
C GLY A 343 -5.02 4.57 1.25
N ARG A 344 -5.07 3.34 1.77
CA ARG A 344 -3.89 2.75 2.37
C ARG A 344 -2.79 2.51 1.35
N LEU A 345 -1.53 2.71 1.76
CA LEU A 345 -0.41 2.28 0.95
C LEU A 345 -0.32 0.75 0.94
N SER A 346 0.02 0.20 -0.22
CA SER A 346 0.11 -1.25 -0.38
C SER A 346 1.42 -1.59 -1.06
N SER A 347 2.34 -2.19 -0.31
CA SER A 347 3.64 -2.55 -0.86
C SER A 347 3.51 -3.68 -1.86
N THR A 348 4.30 -3.60 -2.94
CA THR A 348 4.29 -4.62 -3.98
C THR A 348 5.72 -4.98 -4.35
N ASP A 349 5.92 -6.23 -4.74
CA ASP A 349 7.17 -6.73 -5.31
C ASP A 349 8.35 -6.43 -4.39
N PRO A 350 8.49 -7.12 -3.26
CA PRO A 350 7.55 -8.09 -2.68
C PRO A 350 6.62 -7.37 -1.71
N ASN A 351 5.59 -8.04 -1.18
CA ASN A 351 4.67 -7.41 -0.25
C ASN A 351 5.28 -7.47 1.14
N LEU A 352 5.92 -6.38 1.55
CA LEU A 352 6.47 -6.32 2.90
C LEU A 352 5.37 -6.14 3.94
N GLN A 353 4.21 -5.64 3.52
CA GLN A 353 3.08 -5.51 4.42
C GLN A 353 2.41 -6.85 4.66
N ASN A 354 2.82 -7.91 3.96
CA ASN A 354 2.14 -9.20 4.01
C ASN A 354 3.06 -10.24 4.65
N ILE A 355 3.78 -9.85 5.69
CA ILE A 355 4.69 -10.77 6.37
C ILE A 355 3.91 -11.43 7.51
N PRO A 356 4.02 -12.74 7.69
CA PRO A 356 3.19 -13.42 8.69
C PRO A 356 3.51 -12.98 10.11
N VAL A 357 2.47 -13.03 10.95
CA VAL A 357 2.61 -12.60 12.34
C VAL A 357 2.11 -13.68 13.31
N ARG A 358 0.91 -14.22 13.07
CA ARG A 358 0.24 -15.01 14.11
C ARG A 358 0.90 -16.38 14.27
N ASN A 359 1.43 -16.95 13.20
CA ASN A 359 2.05 -18.26 13.30
C ASN A 359 3.46 -18.14 13.86
N GLU A 360 3.86 -19.14 14.66
CA GLU A 360 5.21 -19.14 15.21
C GLU A 360 6.25 -19.24 14.10
N GLU A 361 5.98 -20.06 13.08
CA GLU A 361 6.84 -20.07 11.91
C GLU A 361 6.80 -18.72 11.21
N GLY A 362 5.65 -18.05 11.24
CA GLY A 362 5.60 -16.66 10.81
C GLY A 362 6.45 -15.75 11.67
N ARG A 363 6.52 -16.04 12.97
CA ARG A 363 7.41 -15.28 13.84
C ARG A 363 8.86 -15.47 13.41
N ARG A 364 9.22 -16.69 13.01
CA ARG A 364 10.57 -16.91 12.49
C ARG A 364 10.81 -16.11 11.21
N ILE A 365 9.82 -16.14 10.30
CA ILE A 365 9.94 -15.40 9.05
C ILE A 365 10.15 -13.92 9.33
N ARG A 366 9.43 -13.39 10.31
CA ARG A 366 9.62 -11.99 10.70
C ARG A 366 10.97 -11.78 11.40
N GLN A 367 11.47 -12.80 12.10
CA GLN A 367 12.81 -12.74 12.68
C GLN A 367 13.89 -12.67 11.63
N ALA A 368 13.60 -13.11 10.41
CA ALA A 368 14.61 -13.06 9.34
C ALA A 368 15.08 -11.65 9.06
N PHE A 369 14.29 -10.63 9.43
CA PHE A 369 14.67 -9.24 9.21
C PHE A 369 15.59 -8.77 10.33
N ILE A 370 16.78 -8.31 9.98
CA ILE A 370 17.78 -7.87 10.94
C ILE A 370 18.36 -6.53 10.51
N ALA A 371 19.31 -6.01 11.34
CA ALA A 371 20.08 -4.78 11.20
C ALA A 371 21.50 -5.07 10.73
N PRO A 372 22.12 -4.17 9.94
CA PRO A 372 23.44 -4.47 9.38
C PRO A 372 24.54 -4.61 10.41
N GLU A 373 24.77 -3.56 11.21
CA GLU A 373 25.83 -3.56 12.21
C GLU A 373 25.67 -2.32 13.08
N ASP A 374 25.84 -2.50 14.39
CA ASP A 374 25.70 -1.44 15.39
C ASP A 374 24.32 -0.78 15.35
N TYR A 375 23.35 -1.43 14.73
CA TYR A 375 22.01 -0.89 14.56
C TYR A 375 21.00 -1.80 15.25
N VAL A 376 19.82 -1.24 15.54
CA VAL A 376 18.75 -1.99 16.19
C VAL A 376 17.43 -1.44 15.69
N ILE A 377 16.43 -2.32 15.60
CA ILE A 377 15.16 -2.02 14.96
C ILE A 377 14.22 -1.37 15.96
N VAL A 378 13.63 -0.25 15.56
CA VAL A 378 12.56 0.40 16.30
C VAL A 378 11.28 0.27 15.49
N SER A 379 10.27 -0.35 16.07
CA SER A 379 9.01 -0.65 15.38
C SER A 379 7.91 0.19 16.00
N ALA A 380 7.68 1.37 15.43
CA ALA A 380 6.58 2.22 15.86
C ALA A 380 5.26 1.53 15.56
N ASP A 381 4.21 1.96 16.26
CA ASP A 381 2.92 1.28 16.16
C ASP A 381 1.78 2.13 16.73
N TYR A 382 0.66 2.17 16.03
CA TYR A 382 -0.57 2.76 16.55
C TYR A 382 -1.46 1.65 17.08
N SER A 383 -1.88 1.78 18.33
CA SER A 383 -2.64 0.73 19.01
C SER A 383 -4.13 1.08 18.95
N GLN A 384 -4.91 0.17 18.34
CA GLN A 384 -6.36 0.33 18.25
C GLN A 384 -6.74 1.68 17.65
N ILE A 385 -6.04 2.06 16.58
CA ILE A 385 -6.23 3.37 15.97
C ILE A 385 -7.64 3.48 15.39
N GLU A 386 -8.12 2.42 14.74
CA GLU A 386 -9.41 2.49 14.08
C GLU A 386 -10.52 2.82 15.07
N LEU A 387 -10.48 2.21 16.25
CA LEU A 387 -11.49 2.53 17.27
C LEU A 387 -11.37 3.98 17.73
N ARG A 388 -10.15 4.54 17.71
CA ARG A 388 -10.01 5.95 18.06
C ARG A 388 -10.66 6.85 17.03
N ILE A 389 -10.48 6.56 15.74
CA ILE A 389 -11.22 7.33 14.74
C ILE A 389 -12.71 7.11 14.90
N MET A 390 -13.14 5.90 15.26
CA MET A 390 -14.55 5.65 15.48
C MET A 390 -15.11 6.52 16.60
N ALA A 391 -14.37 6.63 17.70
CA ALA A 391 -14.79 7.47 18.81
C ALA A 391 -14.84 8.93 18.39
N HIS A 392 -13.83 9.39 17.65
CA HIS A 392 -13.80 10.79 17.24
C HIS A 392 -14.97 11.11 16.31
N LEU A 393 -15.27 10.23 15.37
CA LEU A 393 -16.29 10.48 14.36
C LEU A 393 -17.69 10.13 14.83
N SER A 394 -17.83 9.44 15.96
CA SER A 394 -19.15 9.10 16.47
C SER A 394 -19.69 10.10 17.47
N ARG A 395 -18.82 10.90 18.09
CA ARG A 395 -19.23 11.89 19.10
C ARG A 395 -19.99 11.23 20.24
N ASP A 396 -19.69 9.96 20.52
CA ASP A 396 -20.35 9.20 21.57
C ASP A 396 -19.55 9.34 22.85
N LYS A 397 -20.20 9.82 23.91
CA LYS A 397 -19.49 10.12 25.15
C LYS A 397 -18.88 8.87 25.78
N GLY A 398 -19.52 7.72 25.59
CA GLY A 398 -19.00 6.49 26.17
C GLY A 398 -17.62 6.10 25.68
N LEU A 399 -17.46 6.01 24.36
CA LEU A 399 -16.17 5.63 23.80
C LEU A 399 -15.13 6.72 24.02
N LEU A 400 -15.53 7.98 23.91
CA LEU A 400 -14.60 9.08 24.16
C LEU A 400 -14.07 9.02 25.59
N THR A 401 -14.96 8.81 26.56
CA THR A 401 -14.54 8.68 27.95
C THR A 401 -13.65 7.47 28.14
N ALA A 402 -14.02 6.34 27.53
CA ALA A 402 -13.24 5.11 27.71
C ALA A 402 -11.82 5.28 27.19
N PHE A 403 -11.66 5.95 26.04
CA PHE A 403 -10.32 6.16 25.51
C PHE A 403 -9.56 7.26 26.26
N ALA A 404 -10.26 8.29 26.74
CA ALA A 404 -9.59 9.33 27.51
C ALA A 404 -9.04 8.77 28.81
N GLU A 405 -9.82 7.94 29.50
CA GLU A 405 -9.35 7.33 30.75
C GLU A 405 -8.19 6.37 30.49
N GLY A 406 -8.17 5.74 29.32
CA GLY A 406 -7.06 4.90 28.92
C GLY A 406 -7.23 3.43 29.16
N LYS A 407 -8.41 2.98 29.59
CA LYS A 407 -8.64 1.57 29.81
C LYS A 407 -8.69 0.82 28.49
N ASP A 408 -8.51 -0.50 28.57
CA ASP A 408 -8.61 -1.33 27.37
C ASP A 408 -10.01 -1.24 26.80
N ILE A 409 -10.10 -0.96 25.50
CA ILE A 409 -11.40 -0.73 24.86
C ILE A 409 -12.23 -2.01 24.83
N HIS A 410 -11.58 -3.16 24.66
CA HIS A 410 -12.33 -4.40 24.53
C HIS A 410 -13.08 -4.73 25.81
N ARG A 411 -12.41 -4.64 26.96
CA ARG A 411 -13.08 -4.95 28.22
C ARG A 411 -14.13 -3.90 28.57
N ALA A 412 -13.90 -2.63 28.21
CA ALA A 412 -14.92 -1.62 28.43
C ALA A 412 -16.17 -1.90 27.59
N THR A 413 -15.98 -2.28 26.33
CA THR A 413 -17.11 -2.63 25.48
C THR A 413 -17.85 -3.84 26.03
N ALA A 414 -17.11 -4.85 26.49
CA ALA A 414 -17.76 -6.02 27.08
C ALA A 414 -18.54 -5.65 28.33
N ALA A 415 -17.98 -4.76 29.16
CA ALA A 415 -18.67 -4.32 30.36
C ALA A 415 -19.97 -3.59 30.02
N GLU A 416 -19.92 -2.71 29.02
CA GLU A 416 -21.11 -1.97 28.65
C GLU A 416 -22.12 -2.82 27.89
N VAL A 417 -21.69 -3.93 27.30
CA VAL A 417 -22.61 -4.81 26.58
C VAL A 417 -23.29 -5.79 27.53
N PHE A 418 -22.52 -6.42 28.43
CA PHE A 418 -23.06 -7.44 29.30
C PHE A 418 -23.50 -6.92 30.66
N GLY A 419 -23.03 -5.75 31.08
CA GLY A 419 -23.48 -5.17 32.33
C GLY A 419 -22.48 -5.26 33.46
N LEU A 420 -21.79 -6.39 33.57
CA LEU A 420 -20.80 -6.55 34.63
C LEU A 420 -19.61 -5.62 34.38
N PRO A 421 -18.98 -5.13 35.46
CA PRO A 421 -17.93 -4.12 35.30
C PRO A 421 -16.71 -4.64 34.56
N LEU A 422 -15.88 -3.68 34.13
CA LEU A 422 -14.74 -3.99 33.27
C LEU A 422 -13.70 -4.86 33.98
N GLU A 423 -13.51 -4.65 35.29
CA GLU A 423 -12.52 -5.45 36.01
C GLU A 423 -12.93 -6.91 36.05
N THR A 424 -14.23 -7.19 36.02
CA THR A 424 -14.75 -8.55 36.00
C THR A 424 -14.95 -9.08 34.59
N VAL A 425 -14.58 -8.32 33.56
CA VAL A 425 -14.71 -8.79 32.19
C VAL A 425 -13.69 -9.89 31.95
N THR A 426 -14.18 -11.10 31.69
CA THR A 426 -13.33 -12.25 31.49
C THR A 426 -12.91 -12.39 30.03
N SER A 427 -12.10 -13.41 29.77
CA SER A 427 -11.46 -13.54 28.46
C SER A 427 -12.47 -13.77 27.34
N GLU A 428 -13.42 -14.69 27.56
CA GLU A 428 -14.39 -14.95 26.51
C GLU A 428 -15.27 -13.74 26.23
N GLN A 429 -15.70 -13.04 27.28
CA GLN A 429 -16.41 -11.78 27.07
C GLN A 429 -15.52 -10.75 26.40
N ARG A 430 -14.22 -10.77 26.73
CA ARG A 430 -13.30 -9.80 26.16
C ARG A 430 -13.19 -9.96 24.66
N ARG A 431 -12.92 -11.17 24.17
CA ARG A 431 -12.78 -11.30 22.72
C ARG A 431 -14.15 -11.30 22.04
N SER A 432 -15.23 -11.57 22.78
CA SER A 432 -16.55 -11.32 22.23
C SER A 432 -16.72 -9.84 21.90
N ALA A 433 -16.36 -8.97 22.84
CA ALA A 433 -16.43 -7.53 22.59
C ALA A 433 -15.43 -7.11 21.52
N LYS A 434 -14.28 -7.78 21.46
CA LYS A 434 -13.32 -7.51 20.40
C LYS A 434 -13.93 -7.79 19.03
N ALA A 435 -14.63 -8.92 18.91
CA ALA A 435 -15.32 -9.24 17.67
C ALA A 435 -16.41 -8.19 17.38
N ILE A 436 -17.12 -7.76 18.41
CA ILE A 436 -18.13 -6.71 18.23
C ILE A 436 -17.49 -5.47 17.62
N ASN A 437 -16.39 -5.02 18.21
CA ASN A 437 -15.75 -3.78 17.76
C ASN A 437 -15.23 -3.92 16.33
N PHE A 438 -14.48 -4.99 16.06
CA PHE A 438 -13.89 -5.16 14.74
C PHE A 438 -14.98 -5.30 13.67
N GLY A 439 -16.02 -6.08 13.98
CA GLY A 439 -17.10 -6.24 13.03
C GLY A 439 -17.84 -4.95 12.76
N LEU A 440 -18.12 -4.17 13.82
CA LEU A 440 -18.75 -2.88 13.62
C LEU A 440 -17.89 -1.97 12.76
N ILE A 441 -16.57 -2.08 12.89
CA ILE A 441 -15.67 -1.36 11.99
C ILE A 441 -15.90 -1.82 10.56
N TYR A 442 -16.00 -3.13 10.35
CA TYR A 442 -16.09 -3.65 8.99
C TYR A 442 -17.52 -3.66 8.46
N GLY A 443 -18.52 -3.52 9.32
CA GLY A 443 -19.91 -3.49 8.88
C GLY A 443 -20.58 -4.84 8.69
N MET A 444 -19.91 -5.92 9.07
CA MET A 444 -20.44 -7.26 8.92
C MET A 444 -21.80 -7.44 9.61
N SER A 445 -22.53 -8.47 9.19
CA SER A 445 -23.85 -8.77 9.68
C SER A 445 -23.80 -9.89 10.73
N ALA A 446 -24.98 -10.25 11.26
CA ALA A 446 -25.04 -11.16 12.40
C ALA A 446 -24.58 -12.57 12.05
N PHE A 447 -24.79 -13.01 10.81
CA PHE A 447 -24.28 -14.32 10.39
C PHE A 447 -22.77 -14.37 10.46
N GLY A 448 -22.11 -13.27 10.09
CA GLY A 448 -20.66 -13.21 10.22
C GLY A 448 -20.21 -13.44 11.64
N LEU A 449 -20.95 -12.90 12.61
CA LEU A 449 -20.57 -13.08 14.00
C LEU A 449 -20.90 -14.46 14.51
N ALA A 450 -22.01 -15.05 14.04
CA ALA A 450 -22.28 -16.45 14.34
C ALA A 450 -21.16 -17.34 13.81
N ARG A 451 -20.57 -16.97 12.68
CA ARG A 451 -19.43 -17.69 12.13
C ARG A 451 -18.14 -17.44 12.90
N GLN A 452 -17.89 -16.20 13.31
CA GLN A 452 -16.66 -15.79 13.95
C GLN A 452 -16.66 -16.00 15.46
N LEU A 453 -17.79 -16.41 16.03
CA LEU A 453 -17.90 -16.61 17.47
C LEU A 453 -18.57 -17.92 17.86
N ASN A 454 -19.13 -18.67 16.91
CA ASN A 454 -19.76 -19.97 17.18
C ASN A 454 -20.89 -19.82 18.20
N ILE A 455 -21.79 -18.88 17.93
CA ILE A 455 -22.93 -18.60 18.79
C ILE A 455 -24.14 -18.50 17.86
N PRO A 456 -25.36 -18.81 18.31
CA PRO A 456 -26.52 -18.66 17.44
C PRO A 456 -26.69 -17.23 16.95
N ARG A 457 -27.15 -17.08 15.71
CA ARG A 457 -27.31 -15.76 15.12
C ARG A 457 -28.30 -14.91 15.89
N LYS A 458 -29.29 -15.54 16.53
CA LYS A 458 -30.17 -14.80 17.43
C LYS A 458 -29.39 -14.18 18.57
N GLU A 459 -28.47 -14.94 19.18
CA GLU A 459 -27.64 -14.40 20.24
C GLU A 459 -26.72 -13.31 19.71
N ALA A 460 -26.21 -13.48 18.49
CA ALA A 460 -25.40 -12.44 17.87
C ALA A 460 -26.20 -11.14 17.76
N GLN A 461 -27.41 -11.22 17.23
CA GLN A 461 -28.25 -10.04 17.07
C GLN A 461 -28.58 -9.42 18.42
N LYS A 462 -28.81 -10.27 19.43
CA LYS A 462 -29.05 -9.76 20.78
C LYS A 462 -27.84 -8.99 21.31
N TYR A 463 -26.65 -9.53 21.09
CA TYR A 463 -25.44 -8.85 21.55
C TYR A 463 -25.25 -7.51 20.84
N MET A 464 -25.44 -7.48 19.52
CA MET A 464 -25.35 -6.19 18.84
C MET A 464 -26.46 -5.25 19.28
N ASP A 465 -27.65 -5.76 19.63
CA ASP A 465 -28.69 -4.90 20.16
C ASP A 465 -28.28 -4.25 21.47
N LEU A 466 -27.68 -5.04 22.38
CA LEU A 466 -27.17 -4.49 23.62
C LEU A 466 -26.14 -3.40 23.35
N TYR A 467 -25.18 -3.70 22.47
CA TYR A 467 -24.14 -2.72 22.15
C TYR A 467 -24.75 -1.47 21.56
N PHE A 468 -25.72 -1.62 20.66
CA PHE A 468 -26.30 -0.50 19.95
C PHE A 468 -27.08 0.40 20.90
N GLU A 469 -27.84 -0.24 21.81
CA GLU A 469 -28.58 0.50 22.83
C GLU A 469 -27.65 1.24 23.77
N ARG A 470 -26.52 0.65 24.13
CA ARG A 470 -25.54 1.32 24.98
C ARG A 470 -24.62 2.26 24.22
N TYR A 471 -24.64 2.22 22.89
CA TYR A 471 -23.86 3.16 22.06
C TYR A 471 -24.73 3.67 20.91
N PRO A 472 -25.73 4.49 21.23
CA PRO A 472 -26.62 4.99 20.15
C PRO A 472 -25.99 6.04 19.26
N GLY A 473 -24.99 6.77 19.75
CA GLY A 473 -24.36 7.78 18.90
C GLY A 473 -23.63 7.17 17.72
N VAL A 474 -23.00 6.02 17.93
CA VAL A 474 -22.32 5.32 16.84
C VAL A 474 -23.31 4.94 15.76
N LEU A 475 -24.46 4.40 16.16
CA LEU A 475 -25.48 4.01 15.20
C LEU A 475 -26.06 5.22 14.48
N GLU A 476 -26.27 6.32 15.21
CA GLU A 476 -26.76 7.54 14.57
C GLU A 476 -25.77 8.04 13.52
N TYR A 477 -24.48 8.02 13.84
CA TYR A 477 -23.48 8.47 12.87
C TYR A 477 -23.40 7.54 11.67
N MET A 478 -23.49 6.23 11.91
CA MET A 478 -23.47 5.28 10.80
C MET A 478 -24.66 5.48 9.89
N GLU A 479 -25.85 5.71 10.47
CA GLU A 479 -27.03 5.98 9.65
C GLU A 479 -26.90 7.31 8.91
N ARG A 480 -26.27 8.31 9.56
CA ARG A 480 -26.01 9.57 8.88
C ARG A 480 -25.11 9.37 7.68
N THR A 481 -24.07 8.55 7.83
CA THR A 481 -23.19 8.26 6.69
C THR A 481 -23.93 7.52 5.58
N ARG A 482 -24.74 6.53 5.96
CA ARG A 482 -25.52 5.81 4.97
C ARG A 482 -26.40 6.78 4.18
N ALA A 483 -27.15 7.64 4.89
CA ALA A 483 -28.02 8.59 4.20
C ALA A 483 -27.22 9.57 3.36
N GLN A 484 -26.08 10.05 3.88
CA GLN A 484 -25.24 10.97 3.13
C GLN A 484 -24.80 10.35 1.81
N ALA A 485 -24.56 9.04 1.81
CA ALA A 485 -24.20 8.36 0.57
C ALA A 485 -25.31 8.47 -0.48
N LYS A 486 -26.58 8.60 -0.05
CA LYS A 486 -27.68 8.61 -1.00
C LYS A 486 -27.70 9.88 -1.85
N GLU A 487 -27.59 11.06 -1.23
CA GLU A 487 -27.65 12.29 -2.01
C GLU A 487 -26.29 12.83 -2.41
N GLN A 488 -25.20 12.40 -1.76
CA GLN A 488 -23.88 12.86 -2.13
C GLN A 488 -23.08 11.81 -2.89
N GLY A 489 -23.05 10.57 -2.39
CA GLY A 489 -22.35 9.50 -3.07
C GLY A 489 -20.85 9.52 -2.91
N TYR A 490 -20.31 10.43 -2.11
CA TYR A 490 -18.88 10.53 -1.89
C TYR A 490 -18.60 10.66 -0.39
N VAL A 491 -19.16 9.72 0.38
CA VAL A 491 -18.89 9.64 1.82
C VAL A 491 -17.40 9.83 2.05
N GLU A 492 -17.07 10.74 2.96
CA GLU A 492 -15.75 11.35 3.02
C GLU A 492 -15.17 11.19 4.42
N THR A 493 -13.85 11.09 4.47
CA THR A 493 -13.13 10.94 5.73
C THR A 493 -12.90 12.31 6.36
N LEU A 494 -12.07 12.35 7.41
CA LEU A 494 -11.84 13.60 8.13
C LEU A 494 -11.06 14.59 7.29
N ASP A 495 -9.85 14.23 6.88
CA ASP A 495 -8.93 15.15 6.23
C ASP A 495 -9.30 15.49 4.80
N GLY A 496 -10.46 15.06 4.32
CA GLY A 496 -10.94 15.46 3.01
C GLY A 496 -10.76 14.44 1.90
N ARG A 497 -10.23 13.26 2.19
CA ARG A 497 -10.14 12.22 1.18
C ARG A 497 -11.51 11.62 0.94
N ARG A 498 -11.93 11.57 -0.32
CA ARG A 498 -13.26 11.12 -0.67
C ARG A 498 -13.25 9.69 -1.18
N LEU A 499 -14.44 9.18 -1.47
CA LEU A 499 -14.62 7.88 -2.12
C LEU A 499 -15.95 7.93 -2.83
N TYR A 500 -15.92 7.97 -4.17
CA TYR A 500 -17.15 7.96 -4.94
C TYR A 500 -17.71 6.55 -5.00
N LEU A 501 -19.02 6.42 -4.73
CA LEU A 501 -19.66 5.12 -4.74
C LEU A 501 -20.63 5.03 -5.92
N PRO A 502 -20.25 4.37 -7.01
CA PRO A 502 -21.20 4.08 -8.09
C PRO A 502 -22.15 2.93 -7.80
N ASP A 503 -22.19 2.45 -6.56
CA ASP A 503 -23.04 1.33 -6.17
C ASP A 503 -24.04 1.70 -5.08
N ILE A 504 -24.11 2.98 -4.69
CA ILE A 504 -25.05 3.37 -3.65
C ILE A 504 -26.49 3.29 -4.17
N LYS A 505 -26.72 3.74 -5.40
CA LYS A 505 -28.06 3.72 -6.00
C LYS A 505 -28.14 2.69 -7.12
N SER A 506 -27.46 1.55 -6.96
CA SER A 506 -27.47 0.52 -7.98
C SER A 506 -28.82 -0.17 -8.11
N SER A 507 -29.73 0.06 -7.16
CA SER A 507 -31.07 -0.53 -7.14
C SER A 507 -31.03 -2.05 -7.02
N ASN A 508 -29.84 -2.59 -6.72
CA ASN A 508 -29.67 -4.01 -6.49
C ASN A 508 -29.36 -4.26 -5.03
N GLY A 509 -30.07 -5.21 -4.43
CA GLY A 509 -29.90 -5.47 -3.00
C GLY A 509 -28.53 -6.01 -2.66
N ALA A 510 -27.97 -6.86 -3.53
CA ALA A 510 -26.67 -7.46 -3.26
C ALA A 510 -25.57 -6.42 -3.24
N ARG A 511 -25.55 -5.54 -4.24
CA ARG A 511 -24.46 -4.57 -4.34
C ARG A 511 -24.60 -3.46 -3.30
N ARG A 512 -25.83 -3.01 -3.03
CA ARG A 512 -26.01 -1.86 -2.16
C ARG A 512 -25.56 -2.15 -0.73
N ALA A 513 -25.82 -3.37 -0.23
CA ALA A 513 -25.40 -3.72 1.11
C ALA A 513 -23.88 -3.65 1.25
N ALA A 514 -23.16 -4.23 0.29
CA ALA A 514 -21.71 -4.10 0.27
C ALA A 514 -21.30 -2.65 0.09
N ALA A 515 -22.03 -1.91 -0.75
CA ALA A 515 -21.76 -0.50 -0.92
C ALA A 515 -21.97 0.26 0.38
N GLU A 516 -23.03 -0.09 1.13
CA GLU A 516 -23.26 0.55 2.42
C GLU A 516 -22.14 0.23 3.40
N ARG A 517 -21.66 -1.02 3.41
CA ARG A 517 -20.55 -1.38 4.30
C ARG A 517 -19.29 -0.60 3.94
N ALA A 518 -19.02 -0.46 2.63
CA ALA A 518 -17.89 0.33 2.19
C ALA A 518 -18.04 1.79 2.61
N ALA A 519 -19.24 2.33 2.50
CA ALA A 519 -19.48 3.70 2.95
C ALA A 519 -19.26 3.83 4.45
N ILE A 520 -19.64 2.82 5.21
CA ILE A 520 -19.39 2.83 6.65
C ILE A 520 -17.90 2.93 6.93
N ASN A 521 -17.12 1.98 6.40
CA ASN A 521 -15.73 1.91 6.82
C ASN A 521 -14.79 2.82 6.01
N ALA A 522 -15.30 3.50 4.99
CA ALA A 522 -14.43 4.37 4.20
C ALA A 522 -13.84 5.53 5.00
N PRO A 523 -14.62 6.31 5.76
CA PRO A 523 -13.99 7.34 6.60
C PRO A 523 -13.02 6.75 7.60
N MET A 524 -13.30 5.53 8.08
CA MET A 524 -12.46 4.88 9.07
C MET A 524 -11.05 4.68 8.54
N GLN A 525 -10.91 3.85 7.50
CA GLN A 525 -9.60 3.57 6.94
C GLN A 525 -8.99 4.79 6.28
N GLY A 526 -9.82 5.66 5.71
CA GLY A 526 -9.31 6.89 5.13
C GLY A 526 -8.62 7.76 6.17
N THR A 527 -9.26 7.95 7.32
CA THR A 527 -8.66 8.74 8.39
C THR A 527 -7.42 8.07 8.93
N ALA A 528 -7.46 6.74 9.07
CA ALA A 528 -6.25 6.04 9.54
C ALA A 528 -5.09 6.24 8.58
N ALA A 529 -5.36 6.12 7.27
CA ALA A 529 -4.31 6.30 6.27
C ALA A 529 -3.78 7.72 6.27
N ASP A 530 -4.66 8.71 6.38
CA ASP A 530 -4.20 10.10 6.41
C ASP A 530 -3.36 10.38 7.64
N ILE A 531 -3.76 9.84 8.80
CA ILE A 531 -2.98 10.04 10.02
C ILE A 531 -1.60 9.41 9.87
N ILE A 532 -1.54 8.19 9.34
CA ILE A 532 -0.26 7.54 9.16
C ILE A 532 0.61 8.34 8.18
N LYS A 533 0.01 8.83 7.10
CA LYS A 533 0.79 9.58 6.11
C LYS A 533 1.33 10.88 6.69
N ARG A 534 0.51 11.58 7.48
CA ARG A 534 0.99 12.81 8.11
C ARG A 534 2.10 12.52 9.11
N ALA A 535 1.99 11.43 9.85
CA ALA A 535 3.08 11.04 10.74
C ALA A 535 4.34 10.74 9.96
N MET A 536 4.21 10.07 8.82
CA MET A 536 5.35 9.80 7.95
C MET A 536 6.00 11.09 7.49
N ILE A 537 5.19 12.07 7.08
CA ILE A 537 5.73 13.34 6.58
C ILE A 537 6.47 14.07 7.69
N ALA A 538 5.88 14.14 8.88
CA ALA A 538 6.52 14.84 9.99
C ALA A 538 7.84 14.16 10.38
N VAL A 539 7.83 12.83 10.47
CA VAL A 539 9.04 12.11 10.84
C VAL A 539 10.12 12.28 9.78
N ASP A 540 9.73 12.26 8.51
CA ASP A 540 10.72 12.48 7.45
C ASP A 540 11.29 13.88 7.52
N ALA A 541 10.46 14.87 7.83
CA ALA A 541 10.98 16.22 8.01
C ALA A 541 11.99 16.26 9.13
N TRP A 542 11.71 15.56 10.23
CA TRP A 542 12.64 15.52 11.35
C TRP A 542 13.97 14.90 10.94
N LEU A 543 13.94 13.74 10.28
CA LEU A 543 15.19 13.13 9.84
C LEU A 543 15.93 13.97 8.82
N GLN A 544 15.24 14.61 7.89
CA GLN A 544 15.89 15.38 6.85
C GLN A 544 16.35 16.75 7.32
N ALA A 545 15.89 17.19 8.49
CA ALA A 545 16.40 18.41 9.09
C ALA A 545 17.48 18.17 10.13
N GLU A 546 17.49 17.01 10.79
CA GLU A 546 18.47 16.73 11.84
C GLU A 546 19.52 15.71 11.43
N GLN A 547 19.22 14.82 10.48
CA GLN A 547 20.12 13.75 10.07
C GLN A 547 20.71 12.95 11.23
N PRO A 548 19.87 12.35 12.07
CA PRO A 548 20.39 11.50 13.16
C PRO A 548 20.71 10.11 12.63
N ARG A 549 21.09 9.22 13.55
CA ARG A 549 21.44 7.85 13.19
C ARG A 549 20.20 6.96 13.15
N VAL A 550 19.20 7.38 12.40
CA VAL A 550 17.97 6.62 12.21
C VAL A 550 17.58 6.66 10.74
N ARG A 551 17.09 5.53 10.23
CA ARG A 551 16.60 5.45 8.86
C ARG A 551 15.28 4.70 8.86
N MET A 552 14.24 5.36 8.37
CA MET A 552 12.95 4.69 8.20
C MET A 552 13.05 3.70 7.04
N ILE A 553 12.62 2.46 7.30
CA ILE A 553 12.85 1.40 6.34
C ILE A 553 11.54 0.90 5.75
N MET A 554 10.49 0.82 6.56
CA MET A 554 9.23 0.25 6.12
C MET A 554 8.07 1.03 6.70
N GLN A 555 6.92 0.90 6.04
CA GLN A 555 5.65 1.41 6.55
C GLN A 555 4.61 0.32 6.37
N VAL A 556 4.46 -0.53 7.38
CA VAL A 556 3.36 -1.47 7.43
C VAL A 556 2.13 -0.63 7.77
N HIS A 557 0.94 -1.20 7.59
CA HIS A 557 -0.26 -0.50 8.03
C HIS A 557 -0.16 -0.19 9.52
N ASP A 558 -0.48 1.04 9.88
CA ASP A 558 -0.34 1.61 11.22
C ASP A 558 0.91 1.10 11.95
N GLU A 559 2.04 1.20 11.24
CA GLU A 559 3.33 0.77 11.77
C GLU A 559 4.42 1.43 10.94
N LEU A 560 5.50 1.85 11.60
CA LEU A 560 6.53 2.67 10.98
C LEU A 560 7.93 2.18 11.36
N VAL A 561 8.18 0.89 11.18
CA VAL A 561 9.44 0.26 11.55
C VAL A 561 10.63 1.12 11.11
N PHE A 562 11.53 1.39 12.04
CA PHE A 562 12.73 2.19 11.81
C PHE A 562 13.97 1.31 11.95
N GLU A 563 15.13 1.97 11.91
CA GLU A 563 16.42 1.34 12.21
C GLU A 563 17.32 2.39 12.84
N VAL A 564 17.61 2.23 14.13
CA VAL A 564 18.36 3.22 14.88
C VAL A 564 19.66 2.62 15.35
N HIS A 565 20.63 3.48 15.62
CA HIS A 565 21.87 3.05 16.26
C HIS A 565 21.60 2.72 17.72
N LYS A 566 22.38 1.76 18.25
CA LYS A 566 22.09 1.21 19.58
C LYS A 566 22.06 2.30 20.65
N ASP A 567 22.90 3.33 20.51
CA ASP A 567 22.98 4.36 21.54
C ASP A 567 21.93 5.45 21.38
N ASP A 568 21.18 5.46 20.28
CA ASP A 568 20.17 6.50 20.08
C ASP A 568 18.81 6.10 20.65
N VAL A 569 18.64 4.82 21.00
CA VAL A 569 17.30 4.28 21.29
C VAL A 569 16.63 5.05 22.41
N ASP A 570 17.40 5.54 23.37
CA ASP A 570 16.83 6.20 24.54
C ASP A 570 16.06 7.46 24.15
N ALA A 571 16.61 8.25 23.24
CA ALA A 571 16.04 9.55 22.91
C ALA A 571 15.26 9.58 21.60
N VAL A 572 15.70 8.85 20.57
CA VAL A 572 15.01 8.91 19.29
C VAL A 572 13.62 8.30 19.39
N ALA A 573 13.46 7.28 20.23
CA ALA A 573 12.14 6.71 20.43
C ALA A 573 11.18 7.75 21.01
N LYS A 574 11.63 8.49 22.02
CA LYS A 574 10.81 9.55 22.59
C LYS A 574 10.53 10.64 21.57
N GLN A 575 11.52 10.97 20.73
CA GLN A 575 11.33 12.03 19.75
C GLN A 575 10.31 11.64 18.71
N ILE A 576 10.40 10.42 18.16
CA ILE A 576 9.44 9.99 17.16
C ILE A 576 8.05 9.83 17.79
N HIS A 577 8.01 9.35 19.03
CA HIS A 577 6.79 9.38 19.83
C HIS A 577 6.14 10.76 19.75
N GLN A 578 6.85 11.77 20.28
CA GLN A 578 6.29 13.12 20.33
C GLN A 578 5.89 13.62 18.94
N LEU A 579 6.69 13.28 17.93
CA LEU A 579 6.34 13.67 16.57
C LEU A 579 5.05 13.00 16.11
N MET A 580 4.72 11.85 16.68
CA MET A 580 3.55 11.12 16.19
C MET A 580 2.27 11.39 16.96
N GLU A 581 2.30 11.56 18.30
CA GLU A 581 1.03 11.95 18.93
C GLU A 581 0.62 13.37 18.55
N ASN A 582 1.58 14.26 18.33
CA ASN A 582 1.25 15.61 17.86
C ASN A 582 0.95 15.65 16.37
N CYS A 583 0.81 14.50 15.72
CA CYS A 583 0.61 14.46 14.28
C CYS A 583 -0.71 15.10 13.87
N THR A 584 -1.82 14.66 14.48
CA THR A 584 -3.14 15.05 14.04
C THR A 584 -3.95 15.60 15.21
N ARG A 585 -4.60 16.74 14.99
CA ARG A 585 -5.44 17.37 16.00
C ARG A 585 -6.74 16.59 16.14
N LEU A 586 -6.66 15.49 16.88
CA LEU A 586 -7.80 14.66 17.21
C LEU A 586 -7.90 14.55 18.73
N ASP A 587 -9.13 14.65 19.25
CA ASP A 587 -9.32 14.77 20.69
C ASP A 587 -8.76 13.55 21.42
N VAL A 588 -9.15 12.35 21.01
CA VAL A 588 -8.63 11.14 21.64
C VAL A 588 -7.14 11.02 21.33
N PRO A 589 -6.29 10.68 22.29
CA PRO A 589 -4.86 10.54 22.00
C PRO A 589 -4.57 9.42 21.02
N LEU A 590 -3.39 9.44 20.42
CA LEU A 590 -2.97 8.42 19.45
C LEU A 590 -1.82 7.64 20.09
N LEU A 591 -2.17 6.61 20.84
CA LEU A 591 -1.17 5.84 21.57
C LEU A 591 -0.18 5.20 20.60
N VAL A 592 1.10 5.24 20.97
CA VAL A 592 2.18 4.75 20.14
C VAL A 592 3.04 3.83 21.01
N GLU A 593 2.95 2.52 20.77
CA GLU A 593 3.72 1.53 21.54
C GLU A 593 5.00 1.19 20.79
N VAL A 594 6.04 1.96 21.09
CA VAL A 594 7.33 1.81 20.41
C VAL A 594 8.08 0.61 20.98
N GLY A 595 8.37 -0.37 20.12
CA GLY A 595 9.29 -1.43 20.46
C GLY A 595 10.71 -1.06 20.08
N SER A 596 11.66 -1.82 20.61
CA SER A 596 13.07 -1.56 20.36
C SER A 596 13.83 -2.87 20.16
N GLY A 597 13.16 -3.88 19.62
CA GLY A 597 13.78 -5.18 19.49
C GLY A 597 14.93 -5.20 18.49
N GLU A 598 15.83 -6.16 18.69
CA GLU A 598 16.98 -6.29 17.81
C GLU A 598 16.55 -6.67 16.40
N ASN A 599 15.60 -7.59 16.27
CA ASN A 599 15.03 -7.95 14.98
C ASN A 599 13.59 -7.46 14.91
N TRP A 600 13.03 -7.52 13.70
CA TRP A 600 11.68 -6.98 13.50
C TRP A 600 10.65 -7.74 14.34
N ASP A 601 10.77 -9.08 14.40
CA ASP A 601 9.86 -9.84 15.26
C ASP A 601 10.06 -9.50 16.72
N GLN A 602 11.32 -9.33 17.15
CA GLN A 602 11.58 -8.96 18.53
C GLN A 602 10.95 -7.62 18.87
N ALA A 603 11.05 -6.65 17.96
CA ALA A 603 10.41 -5.35 18.18
C ALA A 603 8.90 -5.45 18.10
N HIS A 604 8.37 -6.44 17.42
CA HIS A 604 6.93 -6.61 17.28
C HIS A 604 6.30 -7.04 18.60
#